data_8AF6
#
_entry.id   8AF6
#
_cell.length_a   80.550
_cell.length_b   38.850
_cell.length_c   53.570
_cell.angle_alpha   90.000
_cell.angle_beta   91.000
_cell.angle_gamma   90.000
#
_symmetry.space_group_name_H-M   'C 1 2 1'
#
loop_
_entity.id
_entity.type
_entity.pdbx_description
1 polymer Endo-1,4-beta-xylanase
2 water water
#
_entity_poly.entity_id   1
_entity_poly.type   'polypeptide(L)'
_entity_poly.pdbx_seq_one_letter_code
;RTQSSTGTHGGYYYSFWTDNPNTVTYTNQNAGQFSVSWSGNQGNFVGGKGWNPGAARTIKYSGTYNPNGNSYLAVYGWTR
NPLIEYYIVENFGTYNPSSGATAAGEVTVDGSVYDIYTSTRTNAPSIEGTRTFQQYWSVRRNKRSSGSVNTGAHFNAWSN
VGLALGSHDYQILAVEGYYSSGSATMTVS
;
_entity_poly.pdbx_strand_id   A
#
# COMPACT_ATOMS: atom_id res chain seq x y z
N ARG A 1 -4.92 11.13 19.82
CA ARG A 1 -3.79 11.75 19.15
C ARG A 1 -3.55 11.13 17.77
N THR A 2 -3.74 11.92 16.71
CA THR A 2 -3.50 11.47 15.36
C THR A 2 -2.65 12.49 14.60
N GLN A 3 -2.03 12.03 13.53
CA GLN A 3 -1.18 12.89 12.71
C GLN A 3 -1.26 12.38 11.28
N SER A 4 -1.61 13.28 10.35
CA SER A 4 -1.68 12.95 8.93
C SER A 4 -0.89 13.98 8.14
N SER A 5 0.03 13.52 7.30
N SER A 5 0.02 13.51 7.28
CA SER A 5 0.91 14.39 6.54
CA SER A 5 0.91 14.40 6.54
C SER A 5 0.92 13.95 5.08
C SER A 5 0.97 13.96 5.09
N THR A 6 0.63 14.88 4.19
CA THR A 6 0.67 14.61 2.75
C THR A 6 1.30 15.81 2.04
N GLY A 7 1.69 15.61 0.80
CA GLY A 7 2.29 16.67 0.02
C GLY A 7 3.15 16.10 -1.09
N THR A 8 4.01 16.94 -1.64
N THR A 8 4.02 16.95 -1.62
CA THR A 8 4.96 16.56 -2.67
CA THR A 8 4.96 16.56 -2.67
C THR A 8 6.37 16.84 -2.17
C THR A 8 6.37 16.85 -2.18
N HIS A 9 7.24 15.84 -2.27
CA HIS A 9 8.61 15.96 -1.80
C HIS A 9 9.55 15.22 -2.75
N GLY A 10 10.65 15.87 -3.11
CA GLY A 10 11.58 15.30 -4.06
C GLY A 10 10.97 14.98 -5.41
N GLY A 11 9.84 15.62 -5.74
CA GLY A 11 9.13 15.31 -6.95
C GLY A 11 8.12 14.18 -6.87
N TYR A 12 7.83 13.69 -5.66
CA TYR A 12 6.93 12.56 -5.48
C TYR A 12 5.85 12.92 -4.45
N TYR A 13 4.66 12.39 -4.67
CA TYR A 13 3.61 12.46 -3.68
C TYR A 13 4.00 11.60 -2.48
N TYR A 14 3.72 12.10 -1.28
CA TYR A 14 3.97 11.34 -0.06
C TYR A 14 2.74 11.43 0.84
N SER A 15 2.55 10.40 1.67
CA SER A 15 1.46 10.36 2.61
C SER A 15 1.95 9.59 3.83
N PHE A 16 1.65 10.14 5.00
CA PHE A 16 1.97 9.49 6.26
C PHE A 16 0.83 9.72 7.24
N TRP A 17 0.39 8.66 7.91
CA TRP A 17 -0.67 8.72 8.91
C TRP A 17 -0.30 7.82 10.07
N THR A 18 -0.55 8.27 11.29
CA THR A 18 -0.39 7.43 12.48
C THR A 18 -1.32 7.94 13.57
N ASP A 19 -1.76 7.03 14.43
CA ASP A 19 -2.49 7.38 15.64
C ASP A 19 -1.60 7.38 16.88
N ASN A 20 -0.28 7.33 16.71
CA ASN A 20 0.67 7.46 17.80
C ASN A 20 1.94 8.07 17.25
N PRO A 21 2.01 9.42 17.22
CA PRO A 21 3.22 10.07 16.69
C PRO A 21 4.48 9.80 17.48
N ASN A 22 4.38 9.40 18.74
CA ASN A 22 5.58 9.28 19.57
C ASN A 22 6.35 7.99 19.34
N THR A 23 5.75 6.99 18.70
CA THR A 23 6.40 5.71 18.49
C THR A 23 6.74 5.45 17.03
N VAL A 24 6.47 6.41 16.15
N VAL A 24 6.43 6.40 16.14
CA VAL A 24 6.76 6.26 14.73
CA VAL A 24 6.75 6.26 14.72
C VAL A 24 7.43 7.52 14.23
C VAL A 24 7.47 7.53 14.28
N THR A 25 8.51 7.35 13.47
CA THR A 25 9.19 8.48 12.84
C THR A 25 9.27 8.26 11.35
N TYR A 26 8.63 9.14 10.59
CA TYR A 26 8.65 9.10 9.14
C TYR A 26 9.59 10.19 8.65
N THR A 27 10.50 9.84 7.75
CA THR A 27 11.46 10.80 7.21
C THR A 27 11.38 10.85 5.69
N ASN A 28 11.05 12.01 5.15
CA ASN A 28 11.14 12.23 3.71
C ASN A 28 12.59 12.46 3.33
N GLN A 29 13.06 11.76 2.30
CA GLN A 29 14.43 11.92 1.80
C GLN A 29 14.38 12.23 0.32
N ASN A 30 15.54 12.36 -0.29
CA ASN A 30 15.60 12.89 -1.64
C ASN A 30 14.96 11.94 -2.64
N ALA A 31 14.39 12.52 -3.70
CA ALA A 31 13.75 11.77 -4.79
C ALA A 31 12.61 10.95 -4.16
N GLY A 32 12.45 9.69 -4.57
CA GLY A 32 11.36 8.90 -4.06
C GLY A 32 11.71 8.11 -2.82
N GLN A 33 12.76 8.53 -2.13
CA GLN A 33 13.25 7.83 -0.95
C GLN A 33 12.52 8.32 0.29
N PHE A 34 12.21 7.38 1.17
CA PHE A 34 11.69 7.69 2.50
C PHE A 34 12.15 6.61 3.47
N SER A 35 12.15 6.96 4.75
CA SER A 35 12.51 6.04 5.81
C SER A 35 11.45 6.12 6.89
N VAL A 36 11.22 4.99 7.54
CA VAL A 36 10.30 4.92 8.65
C VAL A 36 10.88 4.00 9.72
N SER A 37 10.85 4.47 10.97
N SER A 37 10.83 4.47 10.97
CA SER A 37 11.24 3.66 12.12
CA SER A 37 11.24 3.68 12.14
C SER A 37 10.10 3.70 13.14
C SER A 37 10.10 3.72 13.15
N TRP A 38 9.75 2.55 13.69
CA TRP A 38 8.69 2.46 14.69
C TRP A 38 9.10 1.47 15.75
N SER A 39 8.72 1.76 16.99
CA SER A 39 9.18 1.00 18.13
C SER A 39 8.10 0.97 19.18
N GLY A 40 8.30 0.14 20.20
CA GLY A 40 7.44 0.11 21.35
C GLY A 40 6.16 -0.68 21.19
N ASN A 41 5.95 -1.31 20.03
CA ASN A 41 4.78 -2.14 19.80
C ASN A 41 3.50 -1.38 20.15
N GLN A 42 3.48 -0.10 19.78
CA GLN A 42 2.35 0.78 20.07
C GLN A 42 2.05 1.63 18.85
N GLY A 43 0.83 1.56 18.37
CA GLY A 43 0.37 2.48 17.34
C GLY A 43 0.14 1.81 16.00
N ASN A 44 -0.58 2.51 15.14
CA ASN A 44 -0.91 2.06 13.79
C ASN A 44 -0.49 3.17 12.84
N PHE A 45 0.17 2.80 11.74
CA PHE A 45 0.64 3.82 10.81
C PHE A 45 0.72 3.25 9.42
N VAL A 46 0.63 4.15 8.44
CA VAL A 46 0.80 3.82 7.02
CA VAL A 46 0.83 3.82 7.03
C VAL A 46 1.49 5.02 6.38
N GLY A 47 2.59 4.78 5.66
CA GLY A 47 3.28 5.87 5.02
C GLY A 47 4.09 5.41 3.84
N GLY A 48 4.35 6.35 2.94
CA GLY A 48 5.17 6.05 1.79
C GLY A 48 5.10 7.15 0.75
N LYS A 49 5.74 6.88 -0.38
CA LYS A 49 5.87 7.81 -1.48
C LYS A 49 5.31 7.19 -2.76
N GLY A 50 4.93 8.09 -3.68
CA GLY A 50 4.37 7.64 -4.92
C GLY A 50 3.83 8.77 -5.76
N TRP A 51 2.57 8.61 -6.22
CA TRP A 51 2.02 9.52 -7.20
C TRP A 51 0.59 9.91 -6.83
N ASN A 52 0.20 11.12 -7.24
CA ASN A 52 -1.20 11.51 -7.17
C ASN A 52 -1.50 12.40 -8.37
N PRO A 53 -2.29 11.95 -9.34
CA PRO A 53 -2.97 10.65 -9.34
C PRO A 53 -2.06 9.50 -9.69
N GLY A 54 -2.47 8.29 -9.33
CA GLY A 54 -1.80 7.10 -9.83
C GLY A 54 -2.18 6.82 -11.27
N ALA A 55 -1.75 5.65 -11.72
CA ALA A 55 -1.99 5.21 -13.09
C ALA A 55 -1.59 3.75 -13.22
N ALA A 56 -1.87 3.19 -14.40
CA ALA A 56 -1.35 1.87 -14.80
C ALA A 56 0.11 2.10 -15.17
N ARG A 57 0.99 1.96 -14.18
CA ARG A 57 2.41 2.26 -14.35
CA ARG A 57 2.40 2.25 -14.36
C ARG A 57 3.22 1.11 -13.81
N THR A 58 4.49 1.07 -14.19
CA THR A 58 5.44 0.13 -13.63
C THR A 58 6.15 0.81 -12.47
N ILE A 59 5.97 0.28 -11.27
CA ILE A 59 6.52 0.88 -10.04
C ILE A 59 7.76 0.09 -9.68
N LYS A 60 8.91 0.75 -9.68
CA LYS A 60 10.18 0.16 -9.25
C LYS A 60 10.50 0.66 -7.84
N TYR A 61 10.91 -0.26 -6.98
CA TYR A 61 11.23 0.07 -5.60
C TYR A 61 12.41 -0.80 -5.15
N SER A 62 13.18 -0.27 -4.22
CA SER A 62 14.30 -0.99 -3.66
C SER A 62 14.65 -0.38 -2.31
N GLY A 63 15.26 -1.17 -1.48
CA GLY A 63 15.65 -0.71 -0.17
C GLY A 63 15.61 -1.86 0.82
N THR A 64 15.40 -1.51 2.08
CA THR A 64 15.49 -2.46 3.19
C THR A 64 14.22 -2.39 4.01
N TYR A 65 13.66 -3.56 4.31
CA TYR A 65 12.39 -3.70 5.02
C TYR A 65 12.61 -4.69 6.14
N ASN A 66 12.57 -4.22 7.38
CA ASN A 66 12.91 -5.02 8.55
C ASN A 66 11.82 -4.89 9.60
N PRO A 67 10.66 -5.51 9.35
CA PRO A 67 9.61 -5.53 10.36
C PRO A 67 9.91 -6.53 11.46
N ASN A 68 9.29 -6.30 12.61
CA ASN A 68 9.32 -7.23 13.73
C ASN A 68 7.91 -7.31 14.29
N GLY A 69 7.06 -8.11 13.62
CA GLY A 69 5.67 -8.26 14.00
C GLY A 69 4.74 -7.87 12.87
N ASN A 70 3.58 -7.31 13.25
CA ASN A 70 2.51 -7.03 12.29
C ASN A 70 2.87 -5.81 11.43
N SER A 71 3.07 -6.04 10.12
CA SER A 71 3.51 -4.99 9.21
C SER A 71 3.40 -5.54 7.79
N TYR A 72 3.21 -4.63 6.83
CA TYR A 72 3.19 -5.03 5.44
C TYR A 72 3.83 -3.94 4.58
N LEU A 73 4.29 -4.38 3.41
CA LEU A 73 4.89 -3.54 2.38
C LEU A 73 4.04 -3.75 1.14
N ALA A 74 3.45 -2.67 0.63
CA ALA A 74 2.48 -2.80 -0.45
C ALA A 74 2.43 -1.57 -1.32
N VAL A 75 2.13 -1.78 -2.59
CA VAL A 75 1.57 -0.71 -3.41
C VAL A 75 0.12 -0.55 -2.99
N TYR A 76 -0.29 0.69 -2.72
CA TYR A 76 -1.59 0.96 -2.10
C TYR A 76 -2.17 2.20 -2.74
N GLY A 77 -3.45 2.16 -3.07
CA GLY A 77 -4.05 3.32 -3.71
C GLY A 77 -5.55 3.24 -3.75
N TRP A 78 -6.13 4.28 -4.37
CA TRP A 78 -7.58 4.43 -4.46
C TRP A 78 -7.93 4.83 -5.89
N THR A 79 -9.16 4.51 -6.27
CA THR A 79 -9.82 5.10 -7.43
C THR A 79 -11.15 5.69 -6.99
N ARG A 80 -11.73 6.53 -7.84
N ARG A 80 -11.72 6.55 -7.83
CA ARG A 80 -13.03 7.14 -7.61
CA ARG A 80 -13.01 7.15 -7.62
C ARG A 80 -13.95 6.83 -8.78
C ARG A 80 -13.94 6.80 -8.77
N ASN A 81 -15.24 6.72 -8.48
CA ASN A 81 -16.24 6.46 -9.50
C ASN A 81 -15.87 5.31 -10.43
N PRO A 82 -15.86 4.08 -9.92
CA PRO A 82 -16.26 3.74 -8.54
C PRO A 82 -15.16 3.89 -7.50
N LEU A 83 -15.57 4.01 -6.25
CA LEU A 83 -14.65 4.08 -5.12
C LEU A 83 -14.08 2.70 -4.85
N ILE A 84 -12.76 2.58 -4.96
CA ILE A 84 -12.08 1.30 -4.77
CA ILE A 84 -12.06 1.31 -4.81
C ILE A 84 -10.80 1.57 -4.00
N GLU A 85 -10.47 0.69 -3.06
CA GLU A 85 -9.22 0.69 -2.31
C GLU A 85 -8.49 -0.60 -2.67
N TYR A 86 -7.20 -0.49 -3.04
CA TYR A 86 -6.50 -1.65 -3.55
C TYR A 86 -5.11 -1.78 -2.91
N TYR A 87 -4.70 -3.04 -2.77
CA TYR A 87 -3.43 -3.42 -2.18
C TYR A 87 -2.71 -4.42 -3.09
N ILE A 88 -1.46 -4.13 -3.43
CA ILE A 88 -0.57 -5.11 -4.03
C ILE A 88 0.48 -5.40 -2.97
N VAL A 89 0.32 -6.50 -2.23
CA VAL A 89 1.14 -6.76 -1.06
C VAL A 89 2.39 -7.53 -1.49
N GLU A 90 3.55 -6.91 -1.29
CA GLU A 90 4.83 -7.47 -1.68
C GLU A 90 5.50 -8.25 -0.57
N ASN A 91 5.21 -7.93 0.67
CA ASN A 91 5.84 -8.57 1.83
C ASN A 91 4.98 -8.24 3.04
N PHE A 92 5.04 -9.10 4.04
CA PHE A 92 4.36 -8.85 5.30
C PHE A 92 5.00 -9.67 6.40
N GLY A 93 4.75 -9.24 7.63
CA GLY A 93 5.28 -9.92 8.80
C GLY A 93 4.46 -11.10 9.28
N THR A 94 3.94 -11.03 10.51
CA THR A 94 3.34 -12.17 11.15
C THR A 94 1.84 -12.31 10.90
N TYR A 95 1.23 -11.36 10.20
CA TYR A 95 -0.18 -11.40 9.85
C TYR A 95 -0.35 -11.17 8.35
N ASN A 96 -1.11 -12.03 7.69
CA ASN A 96 -1.48 -11.79 6.30
C ASN A 96 -2.56 -10.72 6.29
N PRO A 97 -2.32 -9.54 5.70
CA PRO A 97 -3.35 -8.48 5.74
C PRO A 97 -4.58 -8.84 4.92
N SER A 98 -4.49 -9.84 4.05
CA SER A 98 -5.61 -10.32 3.25
C SER A 98 -6.63 -11.08 4.08
N SER A 99 -6.31 -11.32 5.36
CA SER A 99 -7.17 -12.17 6.17
C SER A 99 -8.60 -11.62 6.23
N GLY A 100 -9.57 -12.50 6.00
CA GLY A 100 -10.98 -12.14 6.02
C GLY A 100 -11.57 -11.84 4.67
N ALA A 101 -10.73 -11.53 3.66
CA ALA A 101 -11.23 -11.28 2.32
C ALA A 101 -11.59 -12.59 1.64
N THR A 102 -12.35 -12.47 0.56
CA THR A 102 -12.81 -13.62 -0.18
C THR A 102 -11.82 -13.96 -1.28
N ALA A 103 -11.42 -15.22 -1.35
CA ALA A 103 -10.53 -15.68 -2.41
C ALA A 103 -11.16 -15.44 -3.77
N ALA A 104 -10.33 -15.02 -4.72
CA ALA A 104 -10.82 -14.67 -6.05
C ALA A 104 -9.80 -15.00 -7.13
N GLY A 105 -9.00 -16.04 -6.93
CA GLY A 105 -8.15 -16.53 -7.99
C GLY A 105 -6.68 -16.20 -7.82
N GLU A 106 -5.98 -16.22 -8.95
CA GLU A 106 -4.53 -16.05 -9.01
C GLU A 106 -4.16 -15.26 -10.25
N VAL A 107 -3.03 -14.58 -10.17
CA VAL A 107 -2.41 -13.95 -11.33
C VAL A 107 -0.91 -14.09 -11.17
N THR A 108 -0.23 -14.41 -12.27
CA THR A 108 1.21 -14.61 -12.28
C THR A 108 1.83 -13.43 -13.00
N VAL A 109 2.61 -12.65 -12.27
CA VAL A 109 3.28 -11.48 -12.81
C VAL A 109 4.51 -11.18 -11.96
N ASP A 110 5.51 -10.60 -12.59
CA ASP A 110 6.68 -10.09 -11.91
C ASP A 110 7.34 -11.17 -11.06
N GLY A 111 7.42 -12.38 -11.61
CA GLY A 111 8.19 -13.43 -10.99
C GLY A 111 7.51 -14.18 -9.87
N SER A 112 6.22 -14.05 -9.72
CA SER A 112 5.55 -14.78 -8.65
C SER A 112 4.07 -14.90 -8.97
N VAL A 113 3.45 -15.89 -8.38
CA VAL A 113 1.99 -15.96 -8.31
C VAL A 113 1.53 -15.02 -7.21
N TYR A 114 0.49 -14.24 -7.50
CA TYR A 114 -0.22 -13.44 -6.51
C TYR A 114 -1.59 -14.06 -6.29
N ASP A 115 -1.98 -14.23 -5.03
CA ASP A 115 -3.33 -14.66 -4.71
C ASP A 115 -4.22 -13.43 -4.64
N ILE A 116 -5.36 -13.47 -5.33
CA ILE A 116 -6.29 -12.35 -5.42
C ILE A 116 -7.39 -12.51 -4.38
N TYR A 117 -7.81 -11.41 -3.78
CA TYR A 117 -8.92 -11.40 -2.87
C TYR A 117 -9.75 -10.15 -3.12
N THR A 118 -11.03 -10.23 -2.80
CA THR A 118 -11.94 -9.10 -2.87
CA THR A 118 -11.96 -9.11 -2.88
C THR A 118 -12.68 -8.99 -1.54
N SER A 119 -13.12 -7.79 -1.22
N SER A 119 -13.11 -7.78 -1.22
CA SER A 119 -13.83 -7.55 0.03
CA SER A 119 -13.83 -7.55 0.03
C SER A 119 -14.60 -6.25 -0.07
C SER A 119 -14.60 -6.25 -0.08
N THR A 120 -15.67 -6.16 0.72
CA THR A 120 -16.50 -4.97 0.80
C THR A 120 -16.38 -4.38 2.20
N ARG A 121 -16.09 -3.08 2.26
CA ARG A 121 -16.06 -2.33 3.51
C ARG A 121 -17.34 -1.50 3.57
N THR A 122 -18.11 -1.69 4.63
CA THR A 122 -19.43 -1.09 4.76
C THR A 122 -19.35 0.06 5.75
N ASN A 123 -19.78 1.24 5.33
CA ASN A 123 -19.77 2.44 6.16
C ASN A 123 -18.45 2.56 6.93
N ALA A 124 -17.37 2.57 6.18
CA ALA A 124 -16.03 2.65 6.72
C ALA A 124 -15.34 3.91 6.20
N PRO A 125 -14.32 4.40 6.91
CA PRO A 125 -13.61 5.59 6.44
C PRO A 125 -13.04 5.38 5.05
N SER A 126 -13.13 6.43 4.23
CA SER A 126 -12.65 6.39 2.86
C SER A 126 -12.13 7.76 2.48
N ILE A 127 -11.52 7.85 1.29
CA ILE A 127 -11.05 9.14 0.81
C ILE A 127 -12.18 10.11 0.51
N GLU A 128 -13.42 9.63 0.45
CA GLU A 128 -14.58 10.46 0.17
C GLU A 128 -15.49 10.60 1.38
N GLY A 129 -15.05 10.13 2.54
CA GLY A 129 -15.87 10.08 3.74
C GLY A 129 -16.31 8.66 4.03
N THR A 130 -17.25 8.54 4.98
CA THR A 130 -17.81 7.24 5.31
C THR A 130 -18.59 6.72 4.11
N ARG A 131 -18.16 5.59 3.56
CA ARG A 131 -18.76 5.04 2.36
C ARG A 131 -18.74 3.52 2.43
N THR A 132 -19.47 2.90 1.53
CA THR A 132 -19.41 1.46 1.26
C THR A 132 -18.69 1.30 -0.08
N PHE A 133 -17.50 0.70 -0.04
CA PHE A 133 -16.67 0.61 -1.23
C PHE A 133 -16.08 -0.79 -1.35
N GLN A 134 -15.51 -1.08 -2.50
CA GLN A 134 -14.92 -2.39 -2.79
C GLN A 134 -13.43 -2.33 -2.55
N GLN A 135 -12.86 -3.47 -2.17
CA GLN A 135 -11.44 -3.63 -1.95
C GLN A 135 -10.91 -4.73 -2.86
N TYR A 136 -9.72 -4.51 -3.40
CA TYR A 136 -9.01 -5.51 -4.18
C TYR A 136 -7.65 -5.75 -3.56
N TRP A 137 -7.27 -7.02 -3.47
CA TRP A 137 -5.99 -7.44 -2.93
C TRP A 137 -5.28 -8.36 -3.91
N SER A 138 -3.98 -8.14 -4.10
CA SER A 138 -3.08 -9.11 -4.70
C SER A 138 -1.94 -9.32 -3.70
N VAL A 139 -1.78 -10.56 -3.23
CA VAL A 139 -0.77 -10.88 -2.21
C VAL A 139 0.29 -11.78 -2.82
N ARG A 140 1.53 -11.27 -2.90
CA ARG A 140 2.61 -12.02 -3.48
C ARG A 140 2.92 -13.24 -2.62
N ARG A 141 3.04 -14.40 -3.26
CA ARG A 141 3.47 -15.59 -2.54
C ARG A 141 4.96 -15.57 -2.24
N ASN A 142 5.77 -15.12 -3.20
CA ASN A 142 7.23 -15.07 -3.04
C ASN A 142 7.61 -13.69 -2.50
N LYS A 143 7.54 -13.55 -1.17
CA LYS A 143 7.83 -12.29 -0.51
C LYS A 143 9.16 -11.71 -0.98
N ARG A 144 9.19 -10.39 -1.12
CA ARG A 144 10.41 -9.71 -1.55
C ARG A 144 10.39 -8.29 -1.02
N SER A 145 11.53 -7.62 -1.12
CA SER A 145 11.69 -6.26 -0.61
CA SER A 145 11.70 -6.26 -0.61
C SER A 145 12.31 -5.34 -1.65
N SER A 146 12.32 -5.74 -2.92
CA SER A 146 12.83 -4.92 -4.02
CA SER A 146 12.82 -4.92 -4.01
C SER A 146 12.39 -5.56 -5.32
N GLY A 147 12.11 -4.72 -6.31
CA GLY A 147 11.73 -5.22 -7.61
C GLY A 147 10.83 -4.23 -8.34
N SER A 148 10.12 -4.76 -9.33
N SER A 148 10.10 -4.77 -9.32
CA SER A 148 9.22 -3.98 -10.18
CA SER A 148 9.22 -3.98 -10.18
C SER A 148 7.82 -4.56 -10.09
C SER A 148 7.82 -4.56 -10.15
N VAL A 149 6.83 -3.68 -10.11
CA VAL A 149 5.42 -4.08 -10.01
C VAL A 149 4.68 -3.54 -11.23
N ASN A 150 4.14 -4.44 -12.05
CA ASN A 150 3.31 -4.09 -13.20
C ASN A 150 1.87 -3.91 -12.71
N THR A 151 1.53 -2.69 -12.31
CA THR A 151 0.22 -2.45 -11.73
C THR A 151 -0.89 -2.77 -12.71
N GLY A 152 -0.65 -2.54 -14.01
CA GLY A 152 -1.71 -2.76 -14.99
C GLY A 152 -2.13 -4.22 -15.09
N ALA A 153 -1.20 -5.14 -14.84
CA ALA A 153 -1.53 -6.55 -14.83
C ALA A 153 -2.45 -6.90 -13.67
N HIS A 154 -2.29 -6.24 -12.53
CA HIS A 154 -3.20 -6.45 -11.41
C HIS A 154 -4.55 -5.80 -11.68
N PHE A 155 -4.54 -4.56 -12.21
CA PHE A 155 -5.78 -3.89 -12.55
C PHE A 155 -6.60 -4.73 -13.54
N ASN A 156 -5.95 -5.31 -14.54
CA ASN A 156 -6.67 -6.16 -15.49
CA ASN A 156 -6.67 -6.16 -15.49
C ASN A 156 -7.21 -7.41 -14.81
N ALA A 157 -6.40 -8.06 -13.97
CA ALA A 157 -6.87 -9.27 -13.28
C ALA A 157 -8.08 -8.95 -12.39
N TRP A 158 -8.02 -7.84 -11.65
CA TRP A 158 -9.13 -7.49 -10.77
C TRP A 158 -10.41 -7.23 -11.54
N SER A 159 -10.30 -6.64 -12.73
CA SER A 159 -11.47 -6.28 -13.52
C SER A 159 -12.21 -7.49 -14.05
N ASN A 160 -11.58 -8.66 -14.04
CA ASN A 160 -12.27 -9.89 -14.41
C ASN A 160 -12.99 -10.54 -13.24
N VAL A 161 -12.83 -10.00 -12.04
CA VAL A 161 -13.49 -10.52 -10.85
C VAL A 161 -14.71 -9.70 -10.48
N GLY A 162 -14.58 -8.38 -10.48
CA GLY A 162 -15.66 -7.49 -10.05
C GLY A 162 -15.64 -6.20 -10.82
N LEU A 163 -16.09 -5.14 -10.16
N LEU A 163 -16.12 -5.14 -10.19
CA LEU A 163 -16.04 -3.79 -10.73
CA LEU A 163 -16.15 -3.85 -10.88
C LEU A 163 -14.66 -3.48 -11.28
C LEU A 163 -14.74 -3.42 -11.24
N ALA A 164 -14.62 -2.80 -12.42
CA ALA A 164 -13.36 -2.27 -12.89
C ALA A 164 -12.99 -1.00 -12.12
N LEU A 165 -11.68 -0.68 -12.14
CA LEU A 165 -11.20 0.52 -11.46
C LEU A 165 -11.75 1.78 -12.13
N GLY A 166 -11.94 2.81 -11.31
CA GLY A 166 -12.37 4.11 -11.77
C GLY A 166 -11.22 5.06 -12.04
N SER A 167 -11.46 6.35 -11.78
CA SER A 167 -10.45 7.38 -11.94
CA SER A 167 -10.44 7.36 -11.95
C SER A 167 -9.47 7.33 -10.77
N HIS A 168 -8.19 7.30 -11.08
CA HIS A 168 -7.18 7.10 -10.05
C HIS A 168 -7.07 8.29 -9.10
N ASP A 169 -6.93 7.98 -7.82
CA ASP A 169 -6.50 8.94 -6.83
C ASP A 169 -5.05 8.62 -6.51
N TYR A 170 -4.66 8.67 -5.24
CA TYR A 170 -3.23 8.54 -4.92
C TYR A 170 -2.80 7.08 -4.97
N GLN A 171 -1.49 6.87 -5.10
CA GLN A 171 -0.89 5.57 -5.37
C GLN A 171 0.52 5.59 -4.81
N ILE A 172 0.75 4.82 -3.74
CA ILE A 172 2.03 4.89 -3.04
C ILE A 172 2.57 3.49 -2.77
N LEU A 173 3.87 3.42 -2.61
CA LEU A 173 4.54 2.26 -2.02
C LEU A 173 4.53 2.49 -0.51
N ALA A 174 3.72 1.73 0.20
CA ALA A 174 3.42 1.98 1.60
C ALA A 174 4.09 0.94 2.50
N VAL A 175 4.62 1.45 3.62
CA VAL A 175 5.01 0.63 4.75
C VAL A 175 3.94 0.84 5.83
N GLU A 176 3.49 -0.26 6.42
CA GLU A 176 2.47 -0.24 7.44
C GLU A 176 2.95 -1.02 8.66
N GLY A 177 2.45 -0.62 9.82
CA GLY A 177 2.75 -1.30 11.06
C GLY A 177 1.57 -1.21 12.01
N TYR A 178 1.30 -2.29 12.73
CA TYR A 178 0.19 -2.33 13.68
C TYR A 178 0.71 -2.90 15.00
N TYR A 179 0.93 -2.01 15.96
CA TYR A 179 1.43 -2.34 17.29
C TYR A 179 2.61 -3.29 17.23
N SER A 180 3.66 -2.83 16.55
CA SER A 180 4.84 -3.65 16.33
C SER A 180 6.07 -2.76 16.36
N SER A 181 7.18 -3.26 15.81
CA SER A 181 8.42 -2.52 15.74
CA SER A 181 8.42 -2.52 15.74
C SER A 181 9.12 -2.86 14.42
N GLY A 182 9.96 -1.96 13.97
CA GLY A 182 10.72 -2.21 12.76
C GLY A 182 11.36 -0.95 12.20
N SER A 183 11.99 -1.13 11.06
CA SER A 183 12.57 0.00 10.33
C SER A 183 12.50 -0.33 8.85
N ALA A 184 12.57 0.71 8.03
CA ALA A 184 12.52 0.54 6.59
C ALA A 184 13.01 1.80 5.91
N THR A 185 13.81 1.62 4.87
CA THR A 185 14.18 2.68 3.95
C THR A 185 13.88 2.16 2.55
N MET A 186 13.01 2.87 1.82
N MET A 186 13.01 2.87 1.82
CA MET A 186 12.62 2.49 0.49
CA MET A 186 12.61 2.49 0.48
C MET A 186 12.80 3.66 -0.47
C MET A 186 12.80 3.66 -0.47
N THR A 187 12.96 3.33 -1.75
CA THR A 187 13.07 4.33 -2.79
C THR A 187 12.17 3.89 -3.95
N VAL A 188 11.21 4.74 -4.33
N VAL A 188 11.21 4.72 -4.32
CA VAL A 188 10.32 4.45 -5.45
CA VAL A 188 10.33 4.45 -5.45
C VAL A 188 10.73 5.29 -6.65
C VAL A 188 10.81 5.24 -6.66
N SER A 189 10.49 4.74 -7.85
CA SER A 189 10.78 5.44 -9.08
C SER A 189 9.81 4.93 -10.13
#